data_4HKG
#
_entry.id   4HKG
#
_cell.length_a   61.811
_cell.length_b   61.811
_cell.length_c   76.848
_cell.angle_alpha   90.000
_cell.angle_beta   90.000
_cell.angle_gamma   120.000
#
_symmetry.space_group_name_H-M   'P 65'
#
loop_
_entity.id
_entity.type
_entity.pdbx_description
1 polymer 'Phosphopantetheine attachment site family protein'
2 non-polymer (4R)-2-METHYLPENTANE-2,4-DIOL
3 non-polymer 1,2-ETHANEDIOL
4 non-polymer DI(HYDROXYETHYL)ETHER
5 water water
#
_entity_poly.entity_id   1
_entity_poly.type   'polypeptide(L)'
_entity_poly.pdbx_seq_one_letter_code
;GHMNKDKAYWSAIIRTLVAKEMRVEPETIDPDQKFTSYGLDSIVALSVSGDLEDLTKLELEPTLLWDYPTINALAEYLVS
ELQQGVAS
;
_entity_poly.pdbx_strand_id   A,B
#
# COMPACT_ATOMS: atom_id res chain seq x y z
N ASN A 4 7.31 12.82 16.00
CA ASN A 4 6.72 13.13 14.71
C ASN A 4 6.98 12.06 13.64
N LYS A 5 7.56 10.94 14.05
CA LYS A 5 7.92 9.89 13.10
C LYS A 5 6.77 8.94 12.81
N ASP A 6 5.78 9.47 12.11
CA ASP A 6 4.64 8.67 11.69
C ASP A 6 4.84 8.16 10.27
N LYS A 7 3.77 7.64 9.69
CA LYS A 7 3.85 7.10 8.34
C LYS A 7 4.29 8.15 7.33
N ALA A 8 3.73 9.35 7.43
CA ALA A 8 4.06 10.44 6.51
C ALA A 8 5.53 10.84 6.61
N TYR A 9 6.08 10.82 7.82
CA TYR A 9 7.50 11.12 8.02
C TYR A 9 8.36 10.12 7.24
N TRP A 10 8.14 8.83 7.45
CA TRP A 10 8.94 7.83 6.76
C TRP A 10 8.66 7.80 5.27
N SER A 11 7.42 8.06 4.87
CA SER A 11 7.10 8.13 3.45
C SER A 11 7.91 9.23 2.76
N ALA A 12 8.02 10.40 3.39
CA ALA A 12 8.80 11.49 2.80
C ALA A 12 10.28 11.10 2.68
N ILE A 13 10.82 10.46 3.71
CA ILE A 13 12.21 10.01 3.68
C ILE A 13 12.44 8.98 2.57
N ILE A 14 11.57 7.98 2.51
CA ILE A 14 11.72 6.92 1.51
C ILE A 14 11.58 7.50 0.10
N ARG A 15 10.61 8.39 -0.10
CA ARG A 15 10.42 9.02 -1.40
C ARG A 15 11.67 9.78 -1.83
N THR A 16 12.31 10.47 -0.88
CA THR A 16 13.54 11.18 -1.15
C THR A 16 14.65 10.22 -1.56
N LEU A 17 14.80 9.13 -0.82
CA LEU A 17 15.81 8.13 -1.15
C LEU A 17 15.58 7.54 -2.54
N VAL A 18 14.34 7.15 -2.82
CA VAL A 18 14.01 6.54 -4.10
C VAL A 18 14.26 7.51 -5.24
N ALA A 19 13.79 8.75 -5.11
CA ALA A 19 13.96 9.76 -6.15
C ALA A 19 15.43 10.03 -6.43
N LYS A 20 16.24 10.12 -5.38
CA LYS A 20 17.67 10.35 -5.55
C LYS A 20 18.33 9.21 -6.32
N GLU A 21 17.95 7.97 -6.00
CA GLU A 21 18.49 6.81 -6.70
C GLU A 21 18.01 6.75 -8.16
N MET A 22 16.77 7.13 -8.41
CA MET A 22 16.21 7.05 -9.76
CA MET A 22 16.22 7.05 -9.76
C MET A 22 16.56 8.28 -10.59
N ARG A 23 17.19 9.27 -9.96
CA ARG A 23 17.61 10.53 -10.60
C ARG A 23 16.43 11.32 -11.18
N VAL A 24 15.34 11.40 -10.42
CA VAL A 24 14.17 12.19 -10.78
C VAL A 24 13.73 13.02 -9.58
N GLU A 25 12.86 13.99 -9.80
CA GLU A 25 12.32 14.79 -8.70
C GLU A 25 11.33 13.97 -7.89
N PRO A 26 11.35 14.12 -6.55
CA PRO A 26 10.44 13.29 -5.75
C PRO A 26 8.95 13.50 -6.05
N GLU A 27 8.56 14.69 -6.48
N GLU A 27 8.57 14.69 -6.47
CA GLU A 27 7.14 14.92 -6.76
CA GLU A 27 7.17 14.96 -6.79
C GLU A 27 6.66 14.15 -7.99
C GLU A 27 6.67 14.15 -7.99
N THR A 28 7.58 13.64 -8.80
CA THR A 28 7.19 12.84 -9.97
C THR A 28 6.93 11.37 -9.62
N ILE A 29 7.20 10.99 -8.38
CA ILE A 29 7.02 9.61 -7.98
CA ILE A 29 7.03 9.61 -7.95
C ILE A 29 5.75 9.45 -7.14
N ASP A 30 4.91 8.50 -7.54
CA ASP A 30 3.66 8.20 -6.84
C ASP A 30 3.96 7.24 -5.70
N PRO A 31 3.71 7.68 -4.44
CA PRO A 31 4.08 6.83 -3.30
C PRO A 31 3.21 5.56 -3.16
N ASP A 32 2.17 5.44 -3.97
CA ASP A 32 1.34 4.25 -3.96
C ASP A 32 1.53 3.36 -5.18
N GLN A 33 2.48 3.72 -6.04
CA GLN A 33 2.76 2.93 -7.23
C GLN A 33 3.85 1.90 -6.92
N LYS A 34 3.73 0.69 -7.45
CA LYS A 34 4.77 -0.31 -7.23
C LYS A 34 6.12 0.18 -7.72
N PHE A 35 7.16 -0.02 -6.90
CA PHE A 35 8.52 0.42 -7.23
C PHE A 35 8.96 -0.01 -8.62
N THR A 36 8.67 -1.26 -8.97
CA THR A 36 9.15 -1.79 -10.24
C THR A 36 8.45 -1.16 -11.42
N SER A 37 7.24 -0.63 -11.24
CA SER A 37 6.53 -0.05 -12.36
CA SER A 37 6.50 -0.02 -12.33
C SER A 37 7.13 1.28 -12.80
N TYR A 38 8.04 1.84 -11.99
CA TYR A 38 8.83 2.98 -12.44
C TYR A 38 10.33 2.69 -12.48
N GLY A 39 10.67 1.42 -12.62
CA GLY A 39 12.01 1.03 -13.01
C GLY A 39 12.98 0.69 -11.90
N LEU A 40 12.52 0.72 -10.65
CA LEU A 40 13.41 0.44 -9.54
C LEU A 40 13.92 -1.00 -9.61
N ASP A 41 15.21 -1.19 -9.42
CA ASP A 41 15.85 -2.51 -9.55
C ASP A 41 16.53 -2.94 -8.25
N SER A 42 17.23 -4.07 -8.31
CA SER A 42 17.80 -4.66 -7.10
C SER A 42 18.92 -3.84 -6.50
N ILE A 43 19.75 -3.24 -7.36
CA ILE A 43 20.81 -2.36 -6.90
C ILE A 43 20.21 -1.19 -6.12
N VAL A 44 19.14 -0.61 -6.65
CA VAL A 44 18.46 0.48 -5.96
C VAL A 44 17.81 -0.02 -4.66
N ALA A 45 17.18 -1.20 -4.69
CA ALA A 45 16.57 -1.72 -3.48
C ALA A 45 17.62 -1.90 -2.38
N LEU A 46 18.79 -2.40 -2.74
CA LEU A 46 19.88 -2.54 -1.78
C LEU A 46 20.35 -1.17 -1.25
N SER A 47 20.47 -0.19 -2.13
CA SER A 47 20.82 1.17 -1.72
C SER A 47 19.82 1.75 -0.73
N VAL A 48 18.54 1.68 -1.08
CA VAL A 48 17.49 2.26 -0.26
C VAL A 48 17.38 1.57 1.09
N SER A 49 17.35 0.24 1.09
CA SER A 49 17.24 -0.48 2.35
C SER A 49 18.46 -0.26 3.23
N GLY A 50 19.65 -0.24 2.63
CA GLY A 50 20.87 0.01 3.37
C GLY A 50 20.90 1.40 3.99
N ASP A 51 20.44 2.39 3.23
CA ASP A 51 20.35 3.74 3.74
C ASP A 51 19.35 3.84 4.88
N LEU A 52 18.23 3.13 4.76
CA LEU A 52 17.26 3.09 5.83
C LEU A 52 17.83 2.42 7.08
N GLU A 53 18.71 1.43 6.91
CA GLU A 53 19.39 0.85 8.07
C GLU A 53 20.23 1.91 8.77
N ASP A 54 20.94 2.71 7.98
CA ASP A 54 21.77 3.78 8.53
C ASP A 54 20.93 4.79 9.32
N LEU A 55 19.72 5.08 8.84
CA LEU A 55 18.86 6.06 9.47
C LEU A 55 18.05 5.53 10.67
N THR A 56 17.68 4.24 10.64
CA THR A 56 16.75 3.66 11.63
C THR A 56 17.38 2.72 12.65
N LYS A 57 18.59 2.25 12.36
CA LYS A 57 19.26 1.23 13.18
C LYS A 57 18.59 -0.14 13.12
N LEU A 58 17.62 -0.28 12.22
CA LEU A 58 16.96 -1.57 12.01
C LEU A 58 17.75 -2.39 11.02
N GLU A 59 17.61 -3.70 11.10
CA GLU A 59 18.10 -4.58 10.03
C GLU A 59 16.97 -4.71 9.03
N LEU A 60 17.28 -4.39 7.77
CA LEU A 60 16.26 -4.31 6.72
C LEU A 60 16.77 -4.97 5.45
N GLU A 61 16.16 -6.08 5.06
CA GLU A 61 16.55 -6.78 3.83
C GLU A 61 16.06 -6.04 2.60
N PRO A 62 16.80 -6.11 1.48
CA PRO A 62 16.35 -5.44 0.26
C PRO A 62 15.03 -6.00 -0.27
N THR A 63 14.74 -7.26 0.06
CA THR A 63 13.48 -7.90 -0.31
C THR A 63 12.27 -7.28 0.38
N LEU A 64 12.50 -6.42 1.38
CA LEU A 64 11.37 -5.67 1.95
C LEU A 64 10.69 -4.80 0.89
N LEU A 65 11.44 -4.39 -0.14
CA LEU A 65 10.84 -3.59 -1.22
C LEU A 65 10.02 -4.46 -2.17
N TRP A 66 10.16 -5.77 -2.06
CA TRP A 66 9.25 -6.71 -2.73
C TRP A 66 8.02 -6.95 -1.87
N ASP A 67 8.24 -7.19 -0.57
CA ASP A 67 7.17 -7.52 0.36
C ASP A 67 6.24 -6.34 0.60
N TYR A 68 6.81 -5.14 0.57
CA TYR A 68 6.10 -3.87 0.79
C TYR A 68 6.44 -3.00 -0.41
N PRO A 69 5.72 -3.20 -1.52
CA PRO A 69 6.26 -2.79 -2.82
C PRO A 69 5.96 -1.37 -3.28
N THR A 70 5.65 -0.48 -2.34
CA THR A 70 5.44 0.93 -2.67
C THR A 70 6.08 1.74 -1.55
N ILE A 71 6.29 3.02 -1.80
CA ILE A 71 6.84 3.90 -0.79
C ILE A 71 5.98 3.88 0.47
N ASN A 72 4.67 4.03 0.30
CA ASN A 72 3.77 4.07 1.45
C ASN A 72 3.67 2.73 2.18
N ALA A 73 3.75 1.61 1.46
CA ALA A 73 3.70 0.30 2.12
C ALA A 73 4.97 0.10 2.95
N LEU A 74 6.10 0.51 2.42
CA LEU A 74 7.36 0.40 3.15
C LEU A 74 7.36 1.33 4.36
N ALA A 75 6.81 2.54 4.21
CA ALA A 75 6.68 3.47 5.33
C ALA A 75 5.84 2.89 6.44
N GLU A 76 4.73 2.25 6.07
CA GLU A 76 3.86 1.59 7.03
C GLU A 76 4.63 0.53 7.81
N TYR A 77 5.45 -0.25 7.11
CA TYR A 77 6.26 -1.28 7.74
C TYR A 77 7.24 -0.69 8.76
N LEU A 78 7.92 0.40 8.37
CA LEU A 78 8.87 1.03 9.28
C LEU A 78 8.21 1.51 10.56
N VAL A 79 7.05 2.14 10.42
CA VAL A 79 6.31 2.59 11.61
C VAL A 79 6.01 1.41 12.53
N SER A 80 5.59 0.29 11.97
N SER A 80 5.57 0.30 11.95
CA SER A 80 5.25 -0.88 12.78
CA SER A 80 5.25 -0.90 12.70
C SER A 80 6.47 -1.48 13.45
C SER A 80 6.47 -1.43 13.45
N GLU A 81 7.61 -1.42 12.78
CA GLU A 81 8.85 -1.97 13.35
C GLU A 81 9.38 -1.10 14.48
N LEU A 82 9.13 0.20 14.39
CA LEU A 82 9.69 1.15 15.35
C LEU A 82 8.73 1.48 16.48
N GLN A 83 7.49 1.01 16.36
CA GLN A 83 6.48 1.24 17.38
C GLN A 83 6.65 0.28 18.56
N ASN B 4 -10.06 5.15 -16.79
CA ASN B 4 -9.45 5.80 -15.63
C ASN B 4 -9.50 4.93 -14.38
N LYS B 5 -9.78 3.64 -14.57
CA LYS B 5 -9.86 2.71 -13.45
C LYS B 5 -8.48 2.19 -13.11
N ASP B 6 -7.69 3.05 -12.49
CA ASP B 6 -6.37 2.68 -12.05
C ASP B 6 -6.41 2.31 -10.58
N LYS B 7 -5.23 2.15 -10.00
CA LYS B 7 -5.14 1.75 -8.61
C LYS B 7 -5.80 2.77 -7.68
N ALA B 8 -5.59 4.06 -7.94
CA ALA B 8 -6.19 5.10 -7.10
C ALA B 8 -7.71 5.01 -7.12
N TYR B 9 -8.27 4.73 -8.28
CA TYR B 9 -9.70 4.57 -8.44
C TYR B 9 -10.23 3.44 -7.56
N TRP B 10 -9.66 2.25 -7.70
CA TRP B 10 -10.14 1.12 -6.92
C TRP B 10 -9.83 1.28 -5.43
N SER B 11 -8.73 1.92 -5.10
N SER B 11 -8.72 1.93 -5.12
CA SER B 11 -8.42 2.17 -3.70
CA SER B 11 -8.39 2.23 -3.73
C SER B 11 -9.48 3.07 -3.05
C SER B 11 -9.49 3.05 -3.07
N ALA B 12 -9.92 4.09 -3.77
CA ALA B 12 -10.98 4.97 -3.27
C ALA B 12 -12.31 4.21 -3.08
N ILE B 13 -12.64 3.36 -4.06
CA ILE B 13 -13.84 2.55 -3.97
C ILE B 13 -13.78 1.59 -2.77
N ILE B 14 -12.67 0.88 -2.65
CA ILE B 14 -12.52 -0.08 -1.57
C ILE B 14 -12.54 0.61 -0.21
N ARG B 15 -11.83 1.73 -0.11
CA ARG B 15 -11.83 2.48 1.15
C ARG B 15 -13.26 2.91 1.53
N THR B 16 -14.04 3.34 0.55
CA THR B 16 -15.42 3.73 0.78
C THR B 16 -16.24 2.54 1.27
N LEU B 17 -16.09 1.40 0.63
CA LEU B 17 -16.82 0.20 1.04
C LEU B 17 -16.45 -0.21 2.46
N VAL B 18 -15.16 -0.24 2.76
CA VAL B 18 -14.70 -0.67 4.06
C VAL B 18 -15.18 0.28 5.14
N ALA B 19 -15.05 1.59 4.89
CA ALA B 19 -15.47 2.57 5.88
C ALA B 19 -16.97 2.49 6.15
N LYS B 20 -17.77 2.30 5.10
CA LYS B 20 -19.21 2.18 5.29
C LYS B 20 -19.57 0.95 6.15
N GLU B 21 -18.87 -0.15 5.92
CA GLU B 21 -19.10 -1.37 6.71
C GLU B 21 -18.67 -1.22 8.16
N MET B 22 -17.55 -0.55 8.36
CA MET B 22 -16.99 -0.39 9.70
CA MET B 22 -17.00 -0.39 9.71
C MET B 22 -17.65 0.76 10.46
N ARG B 23 -18.51 1.52 9.78
CA ARG B 23 -19.23 2.67 10.33
C ARG B 23 -18.27 3.76 10.85
N VAL B 24 -17.24 4.03 10.07
CA VAL B 24 -16.30 5.12 10.34
C VAL B 24 -16.10 5.96 9.10
N GLU B 25 -15.50 7.14 9.23
CA GLU B 25 -15.19 7.99 8.09
C GLU B 25 -14.01 7.41 7.31
N PRO B 26 -14.07 7.47 5.96
CA PRO B 26 -12.99 6.84 5.18
C PRO B 26 -11.61 7.44 5.45
N GLU B 27 -11.53 8.72 5.78
N GLU B 27 -11.56 8.72 5.78
CA GLU B 27 -10.22 9.32 6.02
CA GLU B 27 -10.30 9.40 6.07
C GLU B 27 -9.55 8.81 7.30
C GLU B 27 -9.57 8.80 7.28
N THR B 28 -10.30 8.11 8.15
CA THR B 28 -9.73 7.53 9.36
C THR B 28 -9.09 6.17 9.11
N ILE B 29 -9.24 5.65 7.90
CA ILE B 29 -8.67 4.34 7.56
C ILE B 29 -7.38 4.47 6.77
N ASP B 30 -6.34 3.79 7.24
CA ASP B 30 -5.04 3.77 6.60
C ASP B 30 -5.06 2.67 5.54
N PRO B 31 -4.90 3.05 4.26
CA PRO B 31 -5.03 2.06 3.18
C PRO B 31 -3.85 1.09 3.06
N ASP B 32 -2.81 1.25 3.87
CA ASP B 32 -1.73 0.27 3.93
C ASP B 32 -1.71 -0.55 5.21
N GLN B 33 -2.71 -0.34 6.07
CA GLN B 33 -2.82 -1.11 7.30
C GLN B 33 -3.63 -2.37 7.06
N LYS B 34 -3.27 -3.48 7.71
CA LYS B 34 -4.03 -4.72 7.55
C LYS B 34 -5.46 -4.57 8.02
N PHE B 35 -6.41 -5.06 7.22
CA PHE B 35 -7.84 -4.96 7.53
C PHE B 35 -8.16 -5.40 8.95
N THR B 36 -7.61 -6.53 9.38
CA THR B 36 -7.99 -7.07 10.68
C THR B 36 -7.46 -6.22 11.82
N SER B 37 -6.42 -5.45 11.56
N SER B 37 -6.42 -5.45 11.58
CA SER B 37 -5.82 -4.61 12.59
CA SER B 37 -5.85 -4.64 12.66
C SER B 37 -6.75 -3.47 13.01
C SER B 37 -6.77 -3.46 13.03
N TYR B 38 -7.75 -3.16 12.18
CA TYR B 38 -8.77 -2.20 12.56
C TYR B 38 -10.17 -2.83 12.62
N GLY B 39 -10.19 -4.14 12.83
CA GLY B 39 -11.41 -4.81 13.27
C GLY B 39 -12.24 -5.47 12.20
N LEU B 40 -11.79 -5.43 10.94
CA LEU B 40 -12.58 -6.00 9.86
C LEU B 40 -12.69 -7.52 10.05
N ASP B 41 -13.91 -8.06 9.90
CA ASP B 41 -14.17 -9.47 10.15
C ASP B 41 -14.74 -10.15 8.90
N SER B 42 -15.14 -11.41 9.06
CA SER B 42 -15.56 -12.22 7.91
C SER B 42 -16.86 -11.74 7.26
N ILE B 43 -17.81 -11.30 8.09
CA ILE B 43 -19.06 -10.74 7.58
C ILE B 43 -18.75 -9.53 6.70
N VAL B 44 -17.85 -8.68 7.18
CA VAL B 44 -17.48 -7.49 6.41
C VAL B 44 -16.72 -7.89 5.15
N ALA B 45 -15.83 -8.88 5.24
CA ALA B 45 -15.10 -9.32 4.06
C ALA B 45 -16.08 -9.83 2.99
N LEU B 46 -17.10 -10.56 3.40
CA LEU B 46 -18.11 -11.04 2.47
C LEU B 46 -18.90 -9.87 1.85
N SER B 47 -19.25 -8.88 2.67
CA SER B 47 -19.95 -7.70 2.18
C SER B 47 -19.12 -6.97 1.13
N VAL B 48 -17.86 -6.69 1.46
CA VAL B 48 -16.99 -5.92 0.59
C VAL B 48 -16.72 -6.67 -0.71
N SER B 49 -16.33 -7.93 -0.62
CA SER B 49 -16.06 -8.70 -1.83
C SER B 49 -17.32 -8.86 -2.70
N GLY B 50 -18.47 -9.08 -2.07
CA GLY B 50 -19.71 -9.21 -2.80
C GLY B 50 -20.08 -7.92 -3.50
N ASP B 51 -19.88 -6.80 -2.82
CA ASP B 51 -20.15 -5.50 -3.43
C ASP B 51 -19.20 -5.24 -4.59
N LEU B 52 -17.93 -5.63 -4.44
CA LEU B 52 -16.99 -5.50 -5.54
C LEU B 52 -17.39 -6.36 -6.74
N GLU B 53 -17.96 -7.54 -6.49
CA GLU B 53 -18.51 -8.36 -7.58
C GLU B 53 -19.60 -7.60 -8.31
N ASP B 54 -20.48 -6.94 -7.56
CA ASP B 54 -21.55 -6.16 -8.16
C ASP B 54 -21.01 -5.05 -9.06
N LEU B 55 -19.90 -4.45 -8.64
CA LEU B 55 -19.31 -3.32 -9.36
C LEU B 55 -18.45 -3.72 -10.55
N THR B 56 -17.76 -4.86 -10.46
CA THR B 56 -16.73 -5.23 -11.45
C THR B 56 -17.11 -6.38 -12.37
N LYS B 57 -18.15 -7.14 -12.01
CA LYS B 57 -18.53 -8.36 -12.72
C LYS B 57 -17.51 -9.51 -12.59
N LEU B 58 -16.51 -9.32 -11.74
CA LEU B 58 -15.57 -10.38 -11.42
C LEU B 58 -16.15 -11.30 -10.37
N GLU B 59 -15.67 -12.54 -10.35
CA GLU B 59 -15.90 -13.43 -9.21
C GLU B 59 -14.79 -13.17 -8.22
N LEU B 60 -15.15 -12.83 -6.98
CA LEU B 60 -14.20 -12.42 -5.96
C LEU B 60 -14.52 -13.08 -4.64
N GLU B 61 -13.65 -13.96 -4.18
CA GLU B 61 -13.85 -14.64 -2.90
C GLU B 61 -13.56 -13.71 -1.74
N PRO B 62 -14.26 -13.90 -0.60
CA PRO B 62 -13.99 -13.04 0.56
C PRO B 62 -12.56 -13.22 1.10
N THR B 63 -11.97 -14.39 0.86
CA THR B 63 -10.60 -14.65 1.27
C THR B 63 -9.58 -13.78 0.51
N LEU B 64 -10.02 -13.08 -0.54
CA LEU B 64 -9.12 -12.11 -1.18
C LEU B 64 -8.67 -11.03 -0.20
N LEU B 65 -9.48 -10.76 0.83
CA LEU B 65 -9.09 -9.76 1.82
C LEU B 65 -8.06 -10.32 2.81
N TRP B 66 -7.89 -11.64 2.82
CA TRP B 66 -6.78 -12.29 3.51
C TRP B 66 -5.53 -12.28 2.62
N ASP B 67 -5.70 -12.64 1.35
CA ASP B 67 -4.59 -12.74 0.39
C ASP B 67 -3.98 -11.38 0.08
N TYR B 68 -4.83 -10.36 0.06
CA TYR B 68 -4.44 -8.98 -0.24
C TYR B 68 -4.98 -8.12 0.90
N PRO B 69 -4.28 -8.12 2.03
CA PRO B 69 -4.91 -7.72 3.30
C PRO B 69 -4.88 -6.23 3.64
N THR B 70 -4.74 -5.37 2.64
CA THR B 70 -4.88 -3.94 2.84
C THR B 70 -5.70 -3.38 1.70
N ILE B 71 -6.25 -2.18 1.88
CA ILE B 71 -7.00 -1.53 0.82
C ILE B 71 -6.17 -1.43 -0.46
N ASN B 72 -4.94 -0.97 -0.33
CA ASN B 72 -4.08 -0.80 -1.49
C ASN B 72 -3.66 -2.11 -2.14
N ALA B 73 -3.40 -3.14 -1.35
CA ALA B 73 -3.04 -4.43 -1.93
C ALA B 73 -4.21 -5.00 -2.73
N LEU B 74 -5.42 -4.86 -2.19
CA LEU B 74 -6.60 -5.34 -2.89
C LEU B 74 -6.88 -4.53 -4.15
N ALA B 75 -6.67 -3.22 -4.08
CA ALA B 75 -6.83 -2.36 -5.26
C ALA B 75 -5.89 -2.79 -6.39
N GLU B 76 -4.65 -3.09 -6.04
CA GLU B 76 -3.66 -3.54 -7.03
C GLU B 76 -4.11 -4.85 -7.67
N TYR B 77 -4.66 -5.75 -6.86
CA TYR B 77 -5.20 -7.00 -7.37
C TYR B 77 -6.32 -6.76 -8.39
N LEU B 78 -7.26 -5.88 -8.06
CA LEU B 78 -8.33 -5.57 -9.02
C LEU B 78 -7.82 -5.03 -10.34
N VAL B 79 -6.84 -4.12 -10.28
CA VAL B 79 -6.25 -3.60 -11.51
C VAL B 79 -5.71 -4.74 -12.38
N SER B 80 -5.03 -5.69 -11.75
N SER B 80 -5.02 -5.67 -11.73
CA SER B 80 -4.43 -6.81 -12.48
CA SER B 80 -4.42 -6.81 -12.43
C SER B 80 -5.47 -7.75 -13.08
C SER B 80 -5.48 -7.70 -13.08
N GLU B 81 -6.59 -7.92 -12.37
CA GLU B 81 -7.67 -8.78 -12.86
C GLU B 81 -8.44 -8.17 -14.01
N LEU B 82 -8.50 -6.84 -14.05
CA LEU B 82 -9.32 -6.14 -15.03
C LEU B 82 -8.55 -5.65 -16.26
N GLN B 83 -7.23 -5.85 -16.25
CA GLN B 83 -6.36 -5.29 -17.28
C GLN B 83 -6.54 -5.92 -18.66
#